data_3G20
#
_entry.id   3G20
#
_cell.length_a   26.120
_cell.length_b   36.830
_cell.length_c   61.270
_cell.angle_alpha   106.940
_cell.angle_beta   99.050
_cell.angle_gamma   90.170
#
_symmetry.space_group_name_H-M   'P 1'
#
loop_
_entity.id
_entity.type
_entity.pdbx_description
1 polymer 'Type II secretion protein'
2 non-polymer '2-[N-CYCLOHEXYLAMINO]ETHANE SULFONIC ACID'
3 non-polymer 'CALCIUM ION'
4 non-polymer 'SODIUM ION'
5 non-polymer GLYCEROL
6 water water
#
_entity_poly.entity_id   1
_entity_poly.type   'polypeptide(L)'
_entity_poly.pdbx_seq_one_letter_code
;GAMASLVVPNLMGNKDKADRQKVMSDLVALESTLDMYRLDNNRYPTTEQGLRALVSKPTVQPEPRNYRQDGYIRRLPQDP
WGGDYQLLNPGQYSDIDIFSPGPDGVPNTEDDIGNWTLGNAQP
;
_entity_poly.pdbx_strand_id   A,B
#
loop_
_chem_comp.id
_chem_comp.type
_chem_comp.name
_chem_comp.formula
CA non-polymer 'CALCIUM ION' 'Ca 2'
GOL non-polymer GLYCEROL 'C3 H8 O3'
NA non-polymer 'SODIUM ION' 'Na 1'
NHE non-polymer '2-[N-CYCLOHEXYLAMINO]ETHANE SULFONIC ACID' 'C8 H17 N O3 S'
#
# COMPACT_ATOMS: atom_id res chain seq x y z
N SER A 5 -13.58 -28.83 5.68
CA SER A 5 -12.93 -29.64 4.61
C SER A 5 -13.29 -29.14 3.21
N LEU A 6 -13.90 -27.96 3.12
CA LEU A 6 -14.32 -27.40 1.84
C LEU A 6 -13.73 -25.98 1.70
N VAL A 7 -12.77 -25.83 0.78
CA VAL A 7 -12.13 -24.55 0.51
C VAL A 7 -12.81 -23.89 -0.68
N VAL A 8 -13.45 -22.76 -0.45
CA VAL A 8 -14.11 -22.00 -1.51
C VAL A 8 -13.05 -21.43 -2.48
N PRO A 9 -13.22 -21.67 -3.81
CA PRO A 9 -12.26 -21.14 -4.78
C PRO A 9 -12.11 -19.62 -4.69
N ASN A 10 -10.88 -19.12 -4.70
CA ASN A 10 -10.65 -17.67 -4.56
C ASN A 10 -9.48 -17.07 -5.35
N LEU A 11 -8.95 -17.82 -6.34
CA LEU A 11 -7.77 -17.41 -7.10
C LEU A 11 -7.94 -16.03 -7.73
N MET A 12 -8.98 -15.89 -8.54
CA MET A 12 -9.22 -14.65 -9.28
C MET A 12 -9.86 -13.57 -8.42
N GLY A 13 -10.70 -14.00 -7.46
CA GLY A 13 -11.28 -13.07 -6.50
C GLY A 13 -10.18 -12.35 -5.72
N ASN A 14 -9.16 -13.10 -5.35
CA ASN A 14 -8.01 -12.52 -4.64
C ASN A 14 -7.20 -11.59 -5.52
N LYS A 15 -7.02 -11.94 -6.79
CA LYS A 15 -6.38 -11.04 -7.76
C LYS A 15 -7.19 -9.75 -7.89
N ASP A 16 -8.51 -9.90 -7.99
CA ASP A 16 -9.40 -8.75 -8.13
C ASP A 16 -9.31 -7.81 -6.94
N LYS A 17 -9.26 -8.36 -5.72
CA LYS A 17 -9.18 -7.53 -4.52
C LYS A 17 -7.86 -6.78 -4.44
N ALA A 18 -6.77 -7.44 -4.81
CA ALA A 18 -5.47 -6.78 -4.89
C ALA A 18 -5.47 -5.65 -5.95
N ASP A 19 -6.03 -5.91 -7.13
CA ASP A 19 -6.13 -4.89 -8.16
C ASP A 19 -7.00 -3.71 -7.72
N ARG A 20 -8.15 -4.01 -7.10
CA ARG A 20 -9.04 -2.97 -6.60
CA ARG A 20 -9.03 -2.95 -6.61
C ARG A 20 -8.33 -2.11 -5.54
N GLN A 21 -7.54 -2.76 -4.69
CA GLN A 21 -6.79 -2.06 -3.64
C GLN A 21 -5.79 -1.05 -4.23
N LYS A 22 -5.13 -1.41 -5.32
CA LYS A 22 -4.22 -0.47 -5.99
C LYS A 22 -4.99 0.70 -6.60
N VAL A 23 -6.07 0.37 -7.29
CA VAL A 23 -6.93 1.41 -7.87
C VAL A 23 -7.41 2.38 -6.80
N MET A 24 -7.96 1.85 -5.69
CA MET A 24 -8.46 2.72 -4.62
C MET A 24 -7.35 3.61 -4.02
N SER A 25 -6.14 3.04 -3.88
CA SER A 25 -4.97 3.79 -3.40
C SER A 25 -4.63 4.95 -4.34
N ASP A 26 -4.65 4.67 -5.63
CA ASP A 26 -4.45 5.72 -6.63
C ASP A 26 -5.56 6.76 -6.56
N LEU A 27 -6.81 6.32 -6.42
CA LEU A 27 -7.95 7.26 -6.37
C LEU A 27 -7.88 8.17 -5.15
N VAL A 28 -7.54 7.60 -4.01
CA VAL A 28 -7.36 8.39 -2.78
C VAL A 28 -6.26 9.46 -2.95
N ALA A 29 -5.14 9.07 -3.56
CA ALA A 29 -4.03 9.99 -3.77
C ALA A 29 -4.45 11.10 -4.74
N LEU A 30 -5.17 10.72 -5.80
CA LEU A 30 -5.68 11.70 -6.75
C LEU A 30 -6.65 12.68 -6.08
N GLU A 31 -7.54 12.16 -5.24
CA GLU A 31 -8.52 13.02 -4.56
C GLU A 31 -7.80 14.05 -3.69
N SER A 32 -6.80 13.60 -2.93
CA SER A 32 -5.99 14.50 -2.10
C SER A 32 -5.32 15.59 -2.94
N THR A 33 -4.79 15.19 -4.09
CA THR A 33 -4.14 16.14 -5.01
C THR A 33 -5.15 17.13 -5.57
N LEU A 34 -6.30 16.63 -6.02
CA LEU A 34 -7.39 17.49 -6.44
C LEU A 34 -7.83 18.48 -5.37
N ASP A 35 -7.84 18.06 -4.11
CA ASP A 35 -8.16 18.98 -3.01
C ASP A 35 -7.13 20.10 -2.86
N MET A 36 -5.84 19.80 -3.05
CA MET A 36 -4.80 20.85 -3.00
C MET A 36 -5.00 21.85 -4.12
N TYR A 37 -5.29 21.34 -5.31
CA TYR A 37 -5.64 22.18 -6.46
C TYR A 37 -6.79 23.10 -6.15
N ARG A 38 -7.85 22.55 -5.54
CA ARG A 38 -9.03 23.34 -5.17
C ARG A 38 -8.72 24.37 -4.07
N LEU A 39 -7.90 24.01 -3.10
CA LEU A 39 -7.54 24.96 -2.04
C LEU A 39 -6.87 26.20 -2.63
N ASP A 40 -6.04 26.02 -3.64
CA ASP A 40 -5.40 27.12 -4.35
C ASP A 40 -6.34 27.84 -5.30
N ASN A 41 -7.08 27.08 -6.10
CA ASN A 41 -7.74 27.65 -7.27
C ASN A 41 -9.28 27.76 -7.16
N ASN A 42 -9.83 27.29 -6.04
CA ASN A 42 -11.25 27.44 -5.72
C ASN A 42 -12.23 26.67 -6.61
N ARG A 43 -11.71 25.72 -7.36
CA ARG A 43 -12.53 24.76 -8.10
C ARG A 43 -11.67 23.56 -8.45
N TYR A 44 -12.31 22.49 -8.93
CA TYR A 44 -11.61 21.35 -9.47
C TYR A 44 -11.44 21.54 -10.99
N PRO A 45 -10.47 20.84 -11.60
CA PRO A 45 -10.38 20.87 -13.05
C PRO A 45 -11.69 20.52 -13.73
N THR A 46 -11.97 21.14 -14.86
CA THR A 46 -13.09 20.74 -15.72
C THR A 46 -12.77 19.40 -16.35
N THR A 47 -13.79 18.78 -16.94
CA THR A 47 -13.60 17.50 -17.61
C THR A 47 -12.51 17.62 -18.68
N GLU A 48 -12.57 18.70 -19.46
CA GLU A 48 -11.58 18.97 -20.50
C GLU A 48 -10.17 19.13 -19.94
N GLN A 49 -10.03 19.89 -18.86
CA GLN A 49 -8.74 20.12 -18.23
C GLN A 49 -8.19 18.82 -17.66
N GLY A 50 -9.07 18.06 -17.02
CA GLY A 50 -8.77 16.70 -16.58
C GLY A 50 -7.77 16.55 -15.46
N LEU A 51 -7.39 15.31 -15.22
CA LEU A 51 -6.36 14.98 -14.24
C LEU A 51 -5.02 15.56 -14.65
N ARG A 52 -4.81 15.77 -15.95
CA ARG A 52 -3.57 16.34 -16.45
C ARG A 52 -3.31 17.76 -15.89
N ALA A 53 -4.38 18.46 -15.53
CA ALA A 53 -4.30 19.76 -14.88
C ALA A 53 -3.50 19.76 -13.58
N LEU A 54 -3.41 18.60 -12.93
CA LEU A 54 -2.64 18.48 -11.68
C LEU A 54 -1.12 18.46 -11.88
N VAL A 55 -0.70 18.13 -13.10
CA VAL A 55 0.72 18.05 -13.46
C VAL A 55 1.26 19.42 -13.86
N SER A 56 0.59 20.08 -14.80
CA SER A 56 0.97 21.43 -15.20
C SER A 56 -0.28 22.18 -15.61
N LYS A 57 -0.18 23.50 -15.59
CA LYS A 57 -1.33 24.37 -15.76
C LYS A 57 -2.07 24.08 -17.07
N PRO A 58 -3.40 23.98 -17.02
CA PRO A 58 -4.16 23.73 -18.25
C PRO A 58 -4.01 24.83 -19.29
N THR A 59 -4.25 24.47 -20.55
CA THR A 59 -4.18 25.43 -21.65
C THR A 59 -5.58 25.90 -22.08
N VAL A 60 -6.63 25.49 -21.37
CA VAL A 60 -7.99 25.96 -21.65
C VAL A 60 -8.59 26.62 -20.43
N GLN A 61 -9.56 27.49 -20.66
CA GLN A 61 -10.32 28.11 -19.58
C GLN A 61 -11.19 27.04 -18.89
N PRO A 62 -11.62 27.29 -17.64
CA PRO A 62 -11.27 28.42 -16.78
C PRO A 62 -9.84 28.32 -16.27
N GLU A 63 -9.03 29.33 -16.58
CA GLU A 63 -7.63 29.33 -16.21
C GLU A 63 -7.51 29.40 -14.69
N PRO A 64 -6.83 28.42 -14.07
CA PRO A 64 -6.64 28.51 -12.63
C PRO A 64 -5.81 29.74 -12.27
N ARG A 65 -6.29 30.47 -11.27
CA ARG A 65 -5.80 31.79 -10.95
C ARG A 65 -4.62 31.78 -9.98
N ASN A 66 -4.40 30.66 -9.31
CA ASN A 66 -3.34 30.56 -8.30
C ASN A 66 -2.55 29.27 -8.43
N TYR A 67 -2.17 28.95 -9.65
CA TYR A 67 -1.59 27.66 -9.98
C TYR A 67 -0.11 27.61 -9.58
N ARG A 68 0.25 26.70 -8.68
CA ARG A 68 1.65 26.54 -8.24
C ARG A 68 2.52 26.27 -9.46
N GLN A 69 3.64 26.97 -9.58
CA GLN A 69 4.55 26.74 -10.71
C GLN A 69 4.95 25.26 -10.83
N ASP A 70 5.09 24.58 -9.70
CA ASP A 70 5.50 23.16 -9.72
C ASP A 70 4.36 22.18 -9.95
N GLY A 71 3.13 22.66 -10.04
CA GLY A 71 1.98 21.78 -10.16
C GLY A 71 1.70 21.07 -8.85
N TYR A 72 0.82 20.08 -8.92
CA TYR A 72 0.27 19.40 -7.73
C TYR A 72 0.71 17.94 -7.60
N ILE A 73 1.23 17.36 -8.68
CA ILE A 73 1.70 15.98 -8.67
C ILE A 73 2.82 15.83 -9.71
N ARG A 74 3.80 14.99 -9.41
CA ARG A 74 4.95 14.83 -10.31
C ARG A 74 4.56 14.04 -11.56
N ARG A 75 3.80 12.97 -11.37
CA ARG A 75 3.35 12.12 -12.46
C ARG A 75 1.96 11.58 -12.20
N LEU A 76 1.21 11.35 -13.27
CA LEU A 76 -0.07 10.68 -13.14
C LEU A 76 0.17 9.19 -13.14
N PRO A 77 -0.45 8.46 -12.19
CA PRO A 77 -0.32 7.01 -12.19
C PRO A 77 -1.16 6.41 -13.32
N GLN A 78 -0.81 5.20 -13.72
CA GLN A 78 -1.69 4.40 -14.56
C GLN A 78 -2.30 3.33 -13.67
N ASP A 79 -3.41 2.78 -14.11
CA ASP A 79 -4.11 1.73 -13.35
C ASP A 79 -3.37 0.38 -13.53
N PRO A 80 -3.82 -0.69 -12.83
CA PRO A 80 -3.07 -1.96 -12.95
C PRO A 80 -3.05 -2.62 -14.33
N TRP A 81 -3.91 -2.16 -15.23
CA TRP A 81 -3.96 -2.69 -16.59
C TRP A 81 -3.32 -1.74 -17.61
N GLY A 82 -2.60 -0.73 -17.14
CA GLY A 82 -1.91 0.21 -18.01
C GLY A 82 -2.81 1.32 -18.54
N GLY A 83 -4.02 1.41 -18.00
CA GLY A 83 -5.00 2.40 -18.42
C GLY A 83 -4.86 3.73 -17.70
N ASP A 84 -5.49 4.75 -18.25
CA ASP A 84 -5.43 6.11 -17.72
C ASP A 84 -6.62 6.39 -16.82
N TYR A 85 -6.38 6.97 -15.65
CA TYR A 85 -7.50 7.42 -14.81
C TYR A 85 -8.29 8.51 -15.49
N GLN A 86 -9.61 8.52 -15.26
CA GLN A 86 -10.55 9.42 -15.92
C GLN A 86 -11.20 10.34 -14.91
N LEU A 87 -11.59 11.53 -15.36
CA LEU A 87 -12.22 12.50 -14.47
C LEU A 87 -13.48 13.06 -15.13
N LEU A 88 -14.54 13.23 -14.34
CA LEU A 88 -15.78 13.86 -14.83
C LEU A 88 -16.20 14.93 -13.84
N ASN A 89 -16.37 16.14 -14.35
CA ASN A 89 -16.83 17.28 -13.58
C ASN A 89 -18.05 17.89 -14.28
N PRO A 90 -19.22 17.91 -13.60
CA PRO A 90 -19.50 17.44 -12.24
C PRO A 90 -19.73 15.95 -12.18
N GLY A 91 -19.44 15.34 -11.05
CA GLY A 91 -19.65 13.91 -10.89
C GLY A 91 -21.12 13.60 -10.64
N GLN A 92 -21.51 12.36 -10.90
CA GLN A 92 -22.83 11.89 -10.52
C GLN A 92 -22.94 11.65 -9.01
N TYR A 93 -21.85 11.16 -8.41
CA TYR A 93 -21.88 10.70 -7.02
C TYR A 93 -21.09 11.56 -6.04
N SER A 94 -20.15 12.34 -6.57
CA SER A 94 -19.30 13.25 -5.82
C SER A 94 -19.14 14.51 -6.64
N ASP A 95 -18.47 15.51 -6.08
CA ASP A 95 -18.12 16.71 -6.84
C ASP A 95 -17.51 16.30 -8.18
N ILE A 96 -16.61 15.32 -8.12
CA ILE A 96 -15.88 14.81 -9.26
C ILE A 96 -15.90 13.29 -9.24
N ASP A 97 -16.32 12.67 -10.35
CA ASP A 97 -16.14 11.24 -10.50
C ASP A 97 -14.73 10.99 -11.07
N ILE A 98 -14.00 10.10 -10.43
CA ILE A 98 -12.65 9.71 -10.84
C ILE A 98 -12.66 8.21 -10.93
N PHE A 99 -12.14 7.65 -12.02
CA PHE A 99 -12.21 6.21 -12.21
C PHE A 99 -11.14 5.63 -13.11
N SER A 100 -10.80 4.39 -12.79
CA SER A 100 -10.02 3.56 -13.68
C SER A 100 -11.00 2.94 -14.65
N PRO A 101 -10.62 2.83 -15.93
CA PRO A 101 -11.45 2.11 -16.89
C PRO A 101 -11.60 0.61 -16.63
N GLY A 102 -10.77 0.05 -15.76
CA GLY A 102 -10.82 -1.36 -15.43
C GLY A 102 -10.17 -2.26 -16.48
N PRO A 103 -10.36 -3.58 -16.33
CA PRO A 103 -9.76 -4.57 -17.23
C PRO A 103 -9.95 -4.28 -18.72
N ASP A 104 -11.16 -3.89 -19.13
CA ASP A 104 -11.43 -3.71 -20.58
C ASP A 104 -10.77 -2.46 -21.19
N GLY A 105 -10.36 -1.53 -20.35
CA GLY A 105 -9.61 -0.35 -20.80
C GLY A 105 -10.43 0.74 -21.48
N VAL A 106 -11.76 0.63 -21.39
CA VAL A 106 -12.65 1.55 -22.06
C VAL A 106 -13.38 2.35 -20.99
N PRO A 107 -13.30 3.69 -21.06
CA PRO A 107 -14.06 4.48 -20.10
C PRO A 107 -15.57 4.27 -20.23
N ASN A 108 -16.26 4.36 -19.10
CA ASN A 108 -17.73 4.26 -19.05
C ASN A 108 -18.27 2.93 -19.53
N THR A 109 -17.68 1.84 -19.02
CA THR A 109 -18.26 0.50 -19.15
C THR A 109 -18.47 -0.10 -17.77
N GLU A 110 -19.02 -1.31 -17.75
CA GLU A 110 -19.26 -2.06 -16.51
CA GLU A 110 -19.25 -2.05 -16.51
C GLU A 110 -17.97 -2.34 -15.74
N ASP A 111 -16.84 -2.34 -16.45
CA ASP A 111 -15.53 -2.61 -15.83
C ASP A 111 -14.98 -1.48 -14.97
N ASP A 112 -15.44 -0.25 -15.16
CA ASP A 112 -14.90 0.90 -14.45
C ASP A 112 -14.88 0.68 -12.95
N ILE A 113 -13.79 1.10 -12.31
CA ILE A 113 -13.64 1.08 -10.86
C ILE A 113 -13.46 2.53 -10.44
N GLY A 114 -14.43 3.05 -9.69
CA GLY A 114 -14.53 4.50 -9.47
C GLY A 114 -14.55 4.93 -8.02
N ASN A 115 -14.34 6.22 -7.79
CA ASN A 115 -14.27 6.74 -6.42
C ASN A 115 -15.63 6.74 -5.72
N TRP A 116 -16.70 6.55 -6.49
CA TRP A 116 -18.03 6.40 -5.90
C TRP A 116 -18.16 5.10 -5.11
N THR A 117 -17.23 4.16 -5.28
CA THR A 117 -17.22 2.92 -4.49
C THR A 117 -16.21 2.96 -3.33
N LEU A 118 -15.59 4.12 -3.10
CA LEU A 118 -14.83 4.36 -1.87
C LEU A 118 -15.81 4.49 -0.70
N SER B 5 3.95 -43.16 28.87
CA SER B 5 4.15 -44.51 28.25
C SER B 5 4.79 -44.43 26.86
N LEU B 6 4.28 -43.53 26.02
CA LEU B 6 4.68 -43.48 24.61
C LEU B 6 5.79 -42.46 24.35
N VAL B 7 6.71 -42.81 23.46
CA VAL B 7 7.78 -41.90 23.06
C VAL B 7 7.23 -40.86 22.11
N VAL B 8 7.51 -39.59 22.38
CA VAL B 8 7.08 -38.50 21.52
C VAL B 8 8.28 -38.03 20.73
N PRO B 9 8.18 -37.97 19.39
CA PRO B 9 9.33 -37.46 18.61
C PRO B 9 9.70 -36.03 19.03
N ASN B 10 11.00 -35.77 19.21
CA ASN B 10 11.44 -34.46 19.63
C ASN B 10 12.81 -34.08 19.03
N LEU B 11 13.10 -34.51 17.81
CA LEU B 11 14.36 -34.11 17.14
C LEU B 11 14.52 -32.58 17.10
N MET B 12 13.48 -31.91 16.59
CA MET B 12 13.51 -30.46 16.26
C MET B 12 12.88 -29.54 17.31
N GLY B 13 12.20 -30.11 18.30
CA GLY B 13 11.46 -29.32 19.28
C GLY B 13 12.24 -28.19 19.92
N ASN B 14 13.44 -28.49 20.40
CA ASN B 14 14.21 -27.47 21.13
C ASN B 14 14.72 -26.37 20.21
N LYS B 15 15.10 -26.75 19.00
CA LYS B 15 15.56 -25.82 17.98
C LYS B 15 14.39 -24.93 17.55
N ASP B 16 13.22 -25.56 17.42
CA ASP B 16 11.99 -24.86 17.06
C ASP B 16 11.67 -23.78 18.08
N LYS B 17 11.84 -24.08 19.36
CA LYS B 17 11.60 -23.10 20.40
C LYS B 17 12.59 -21.95 20.31
N ALA B 18 13.88 -22.29 20.15
CA ALA B 18 14.93 -21.28 19.98
C ALA B 18 14.67 -20.39 18.77
N ASP B 19 14.25 -21.00 17.67
CA ASP B 19 14.00 -20.26 16.43
C ASP B 19 12.83 -19.29 16.57
N ARG B 20 11.78 -19.73 17.24
CA ARG B 20 10.62 -18.87 17.46
C ARG B 20 10.98 -17.64 18.28
N GLN B 21 11.83 -17.83 19.29
CA GLN B 21 12.28 -16.72 20.11
C GLN B 21 13.06 -15.69 19.27
N LYS B 22 13.94 -16.19 18.40
CA LYS B 22 14.69 -15.32 17.46
C LYS B 22 13.74 -14.55 16.56
N VAL B 23 12.73 -15.23 16.02
CA VAL B 23 11.76 -14.54 15.18
C VAL B 23 11.10 -13.40 15.95
N MET B 24 10.66 -13.67 17.17
CA MET B 24 9.95 -12.64 17.93
C MET B 24 10.86 -11.43 18.13
N SER B 25 12.13 -11.67 18.42
CA SER B 25 13.11 -10.58 18.59
C SER B 25 13.29 -9.77 17.31
N ASP B 26 13.37 -10.46 16.17
CA ASP B 26 13.43 -9.77 14.89
C ASP B 26 12.19 -8.89 14.67
N LEU B 27 11.02 -9.41 15.04
CA LEU B 27 9.77 -8.70 14.76
C LEU B 27 9.72 -7.43 15.61
N VAL B 28 10.25 -7.51 16.83
CA VAL B 28 10.28 -6.37 17.74
C VAL B 28 11.20 -5.27 17.19
N ALA B 29 12.37 -5.68 16.70
CA ALA B 29 13.33 -4.78 16.05
C ALA B 29 12.73 -4.13 14.81
N LEU B 30 12.10 -4.93 13.94
CA LEU B 30 11.48 -4.39 12.72
C LEU B 30 10.35 -3.39 13.04
N GLU B 31 9.53 -3.71 14.04
CA GLU B 31 8.46 -2.80 14.49
C GLU B 31 9.00 -1.43 14.95
N SER B 32 10.08 -1.43 15.72
CA SER B 32 10.69 -0.17 16.15
CA SER B 32 10.71 -0.18 16.15
C SER B 32 11.12 0.70 14.95
N THR B 33 11.70 0.08 13.93
CA THR B 33 12.16 0.84 12.75
C THR B 33 10.98 1.28 11.87
N LEU B 34 9.94 0.45 11.79
CA LEU B 34 8.70 0.83 11.13
C LEU B 34 8.00 2.02 11.81
N ASP B 35 8.06 2.10 13.14
CA ASP B 35 7.52 3.27 13.85
C ASP B 35 8.31 4.55 13.50
N MET B 36 9.62 4.44 13.37
CA MET B 36 10.44 5.58 13.00
C MET B 36 10.10 6.02 11.59
N TYR B 37 9.92 5.05 10.71
CA TYR B 37 9.51 5.30 9.34
C TYR B 37 8.18 6.05 9.31
N ARG B 38 7.21 5.61 10.11
CA ARG B 38 5.89 6.24 10.14
C ARG B 38 5.93 7.66 10.72
N LEU B 39 6.73 7.85 11.76
CA LEU B 39 6.91 9.15 12.37
C LEU B 39 7.37 10.17 11.34
N ASP B 40 8.29 9.77 10.46
CA ASP B 40 8.80 10.63 9.40
C ASP B 40 7.80 10.80 8.25
N ASN B 41 7.16 9.70 7.87
CA ASN B 41 6.44 9.66 6.59
C ASN B 41 4.91 9.58 6.65
N ASN B 42 4.36 9.52 7.87
CA ASN B 42 2.91 9.51 8.11
CA ASN B 42 2.91 9.51 8.11
C ASN B 42 2.20 8.30 7.49
N ARG B 43 2.94 7.22 7.31
CA ARG B 43 2.39 5.93 6.89
C ARG B 43 3.46 4.85 7.02
N TYR B 44 3.02 3.60 6.96
CA TYR B 44 3.91 2.46 6.86
C TYR B 44 4.13 2.13 5.40
N PRO B 45 5.23 1.40 5.08
CA PRO B 45 5.39 0.98 3.69
C PRO B 45 4.18 0.18 3.20
N THR B 46 3.89 0.26 1.92
CA THR B 46 2.84 -0.55 1.35
C THR B 46 3.33 -2.00 1.30
N THR B 47 2.42 -2.91 0.98
CA THR B 47 2.77 -4.31 0.78
C THR B 47 3.83 -4.43 -0.33
N GLU B 48 3.67 -3.64 -1.38
CA GLU B 48 4.54 -3.69 -2.55
C GLU B 48 5.92 -3.12 -2.23
N GLN B 49 5.96 -2.10 -1.38
CA GLN B 49 7.23 -1.50 -0.95
C GLN B 49 7.95 -2.42 0.03
N GLY B 50 7.16 -3.03 0.92
CA GLY B 50 7.65 -4.08 1.79
C GLY B 50 8.62 -3.58 2.85
N LEU B 51 9.19 -4.53 3.59
CA LEU B 51 10.16 -4.21 4.62
C LEU B 51 11.45 -3.66 4.03
N ARG B 52 11.70 -3.95 2.75
CA ARG B 52 12.87 -3.42 2.07
C ARG B 52 12.93 -1.87 2.08
N ALA B 53 11.76 -1.24 2.14
CA ALA B 53 11.63 0.22 2.27
C ALA B 53 12.32 0.79 3.50
N LEU B 54 12.55 -0.05 4.50
CA LEU B 54 13.29 0.35 5.69
C LEU B 54 14.78 0.52 5.42
N VAL B 55 15.30 -0.11 4.37
CA VAL B 55 16.76 -0.11 4.15
C VAL B 55 17.19 1.13 3.37
N SER B 56 16.47 1.42 2.29
CA SER B 56 16.71 2.61 1.49
C SER B 56 15.40 3.04 0.86
N LYS B 57 15.37 4.27 0.37
CA LYS B 57 14.13 4.84 -0.13
C LYS B 57 13.48 3.97 -1.19
N PRO B 58 12.18 3.66 -1.01
CA PRO B 58 11.50 2.83 -2.02
C PRO B 58 11.39 3.52 -3.39
N THR B 59 11.58 2.76 -4.45
CA THR B 59 11.46 3.28 -5.80
C THR B 59 10.03 3.17 -6.31
N VAL B 60 9.20 2.40 -5.62
CA VAL B 60 7.79 2.24 -5.96
C VAL B 60 6.96 3.26 -5.19
N GLN B 61 5.92 3.80 -5.83
CA GLN B 61 5.00 4.75 -5.18
C GLN B 61 4.14 4.00 -4.16
N PRO B 62 3.63 4.72 -3.14
CA PRO B 62 3.73 6.16 -2.91
C PRO B 62 5.09 6.58 -2.39
N GLU B 63 5.66 7.63 -2.98
CA GLU B 63 6.96 8.13 -2.54
C GLU B 63 6.83 8.68 -1.12
N PRO B 64 7.71 8.24 -0.20
CA PRO B 64 7.66 8.76 1.16
C PRO B 64 8.02 10.25 1.23
N ARG B 65 7.28 11.00 2.03
CA ARG B 65 7.38 12.47 2.11
C ARG B 65 8.72 12.97 2.65
N ASN B 66 9.25 12.25 3.63
CA ASN B 66 10.34 12.74 4.47
C ASN B 66 11.30 11.58 4.77
N TYR B 67 11.76 10.92 3.72
CA TYR B 67 12.59 9.73 3.88
C TYR B 67 14.00 10.08 4.33
N ARG B 68 14.34 9.60 5.51
CA ARG B 68 15.65 9.74 6.13
C ARG B 68 16.76 9.26 5.18
N GLN B 69 17.75 10.11 4.91
CA GLN B 69 18.77 9.76 3.93
C GLN B 69 19.41 8.37 4.16
N ASP B 70 19.71 8.04 5.42
CA ASP B 70 20.37 6.78 5.73
C ASP B 70 19.43 5.56 5.83
N GLY B 71 18.13 5.80 5.73
CA GLY B 71 17.15 4.75 5.97
C GLY B 71 16.94 4.54 7.46
N TYR B 72 16.20 3.49 7.79
CA TYR B 72 15.71 3.24 9.16
C TYR B 72 16.34 1.98 9.77
N ILE B 73 16.87 1.09 8.93
CA ILE B 73 17.58 -0.07 9.41
C ILE B 73 18.78 -0.36 8.48
N ARG B 74 19.89 -0.83 9.05
CA ARG B 74 21.08 -1.11 8.25
C ARG B 74 20.90 -2.34 7.39
N ARG B 75 20.37 -3.41 7.99
CA ARG B 75 20.14 -4.64 7.24
C ARG B 75 18.82 -5.31 7.62
N LEU B 76 18.14 -5.87 6.63
CA LEU B 76 16.96 -6.70 6.89
C LEU B 76 17.43 -8.03 7.47
N PRO B 77 16.83 -8.48 8.59
CA PRO B 77 17.16 -9.81 9.03
C PRO B 77 16.46 -10.84 8.16
N GLN B 78 17.01 -12.04 8.08
CA GLN B 78 16.26 -13.17 7.55
C GLN B 78 15.84 -14.00 8.74
N ASP B 79 14.82 -14.84 8.56
CA ASP B 79 14.37 -15.69 9.64
C ASP B 79 15.31 -16.91 9.79
N PRO B 80 15.13 -17.70 10.86
CA PRO B 80 16.05 -18.79 11.08
C PRO B 80 16.04 -19.88 10.02
N TRP B 81 15.00 -19.90 9.19
CA TRP B 81 14.91 -20.86 8.09
C TRP B 81 15.42 -20.28 6.77
N GLY B 82 15.93 -19.06 6.80
CA GLY B 82 16.41 -18.39 5.59
C GLY B 82 15.31 -17.73 4.79
N GLY B 83 14.12 -17.63 5.38
CA GLY B 83 12.99 -17.00 4.75
C GLY B 83 13.02 -15.50 4.96
N ASP B 84 12.34 -14.78 4.07
CA ASP B 84 12.20 -13.33 4.17
C ASP B 84 10.98 -12.97 5.01
N TYR B 85 11.15 -12.00 5.90
CA TYR B 85 10.03 -11.45 6.63
C TYR B 85 9.05 -10.82 5.66
N GLN B 86 7.76 -10.97 5.96
CA GLN B 86 6.68 -10.51 5.09
C GLN B 86 6.02 -9.31 5.74
N LEU B 87 5.46 -8.42 4.93
CA LEU B 87 4.69 -7.30 5.45
C LEU B 87 3.38 -7.23 4.68
N LEU B 88 2.27 -7.05 5.40
CA LEU B 88 0.95 -6.88 4.79
C LEU B 88 0.34 -5.59 5.30
N ASN B 89 -0.01 -4.71 4.36
CA ASN B 89 -0.62 -3.41 4.67
C ASN B 89 -1.90 -3.25 3.83
N PRO B 90 -3.06 -3.16 4.49
CA PRO B 90 -3.33 -3.17 5.93
C PRO B 90 -3.26 -4.55 6.56
N GLY B 91 -2.93 -4.61 7.84
CA GLY B 91 -2.89 -5.89 8.53
C GLY B 91 -4.27 -6.42 8.86
N GLN B 92 -4.37 -7.72 9.07
CA GLN B 92 -5.60 -8.33 9.63
C GLN B 92 -5.74 -8.04 11.11
N TYR B 93 -4.62 -8.08 11.83
CA TYR B 93 -4.60 -8.01 13.30
C TYR B 93 -3.99 -6.74 13.84
N SER B 94 -2.98 -6.20 13.15
CA SER B 94 -2.36 -4.94 13.54
C SER B 94 -2.43 -3.96 12.36
N ASP B 95 -1.99 -2.73 12.56
CA ASP B 95 -2.01 -1.74 11.49
C ASP B 95 -1.36 -2.35 10.24
N ILE B 96 -0.19 -2.95 10.43
CA ILE B 96 0.41 -3.83 9.44
C ILE B 96 0.77 -5.17 10.10
N ASP B 97 0.59 -6.26 9.36
CA ASP B 97 1.06 -7.57 9.81
C ASP B 97 2.45 -7.77 9.26
N ILE B 98 3.36 -8.18 10.14
CA ILE B 98 4.72 -8.56 9.79
C ILE B 98 4.96 -9.96 10.32
N PHE B 99 5.56 -10.82 9.51
CA PHE B 99 5.63 -12.24 9.88
C PHE B 99 6.72 -13.00 9.13
N SER B 100 7.27 -13.99 9.83
CA SER B 100 8.09 -15.02 9.21
C SER B 100 7.19 -16.12 8.66
N PRO B 101 7.50 -16.63 7.47
CA PRO B 101 6.79 -17.79 6.95
C PRO B 101 6.95 -19.07 7.79
N GLY B 102 7.88 -19.11 8.73
CA GLY B 102 8.00 -20.27 9.58
C GLY B 102 8.70 -21.42 8.87
N PRO B 103 8.72 -22.61 9.50
CA PRO B 103 9.50 -23.72 8.98
C PRO B 103 9.22 -24.11 7.54
N ASP B 104 7.96 -24.09 7.12
CA ASP B 104 7.63 -24.50 5.74
C ASP B 104 8.09 -23.51 4.67
N GLY B 105 8.37 -22.28 5.07
CA GLY B 105 8.90 -21.26 4.16
C GLY B 105 7.87 -20.74 3.16
N VAL B 106 6.60 -20.98 3.44
CA VAL B 106 5.50 -20.57 2.55
C VAL B 106 4.68 -19.53 3.30
N PRO B 107 4.55 -18.31 2.76
CA PRO B 107 3.72 -17.32 3.46
C PRO B 107 2.24 -17.74 3.52
N ASN B 108 1.54 -17.26 4.54
CA ASN B 108 0.08 -17.48 4.73
C ASN B 108 -0.34 -18.93 5.00
N THR B 109 0.47 -19.61 5.82
CA THR B 109 0.12 -20.91 6.37
C THR B 109 0.17 -20.84 7.88
N GLU B 110 -0.28 -21.90 8.54
CA GLU B 110 -0.27 -21.95 9.99
C GLU B 110 1.13 -22.07 10.61
N ASP B 111 2.15 -22.32 9.78
CA ASP B 111 3.55 -22.23 10.22
C ASP B 111 3.97 -20.78 10.50
N ASP B 112 3.27 -19.80 9.91
CA ASP B 112 3.68 -18.40 10.00
C ASP B 112 3.80 -17.96 11.45
N ILE B 113 4.79 -17.12 11.72
CA ILE B 113 5.02 -16.59 13.07
C ILE B 113 5.01 -15.08 12.91
N GLY B 114 4.06 -14.43 13.56
CA GLY B 114 3.77 -13.03 13.26
C GLY B 114 3.69 -12.09 14.43
N ASN B 115 3.65 -10.80 14.11
CA ASN B 115 3.64 -9.74 15.11
C ASN B 115 2.34 -9.72 15.90
N TRP B 116 1.29 -10.35 15.37
CA TRP B 116 0.03 -10.47 16.12
C TRP B 116 0.25 -11.17 17.45
N THR B 117 1.28 -12.03 17.53
CA THR B 117 1.58 -12.79 18.73
C THR B 117 2.24 -11.99 19.83
N LEU B 118 2.73 -10.78 19.52
CA LEU B 118 3.28 -9.85 20.50
C LEU B 118 2.21 -9.23 21.42
N GLY B 119 0.95 -9.28 21.02
CA GLY B 119 -0.14 -8.86 21.91
C GLY B 119 -0.22 -7.36 22.14
N ASN B 120 -0.93 -6.97 23.20
CA ASN B 120 -1.31 -5.58 23.43
C ASN B 120 -0.69 -4.93 24.66
N ALA B 121 0.35 -5.54 25.20
CA ALA B 121 0.89 -5.13 26.50
C ALA B 121 2.29 -4.48 26.42
N GLN B 122 2.90 -4.43 25.24
CA GLN B 122 4.22 -3.80 25.11
C GLN B 122 4.15 -2.33 25.49
N PRO B 123 5.16 -1.82 26.22
CA PRO B 123 5.13 -0.41 26.62
C PRO B 123 5.23 0.53 25.42
C3' NHE C . -12.82 15.04 -5.33
C2' NHE C . -12.14 15.15 -3.99
C1' NHE C . -13.17 15.45 -2.91
C6' NHE C . -14.33 14.45 -2.89
N NHE C . -12.53 15.47 -1.58
C1 NHE C . -13.29 16.41 -0.78
C2 NHE C . -12.73 16.37 0.62
S NHE C . -13.95 16.87 1.86
O1 NHE C . -15.12 15.94 1.85
O2 NHE C . -14.40 18.26 1.60
O3 NHE C . -13.26 16.75 3.19
C5' NHE C . -14.90 14.14 -4.28
C4' NHE C . -13.80 13.87 -5.29
CA CA D . -14.27 0.19 -18.52
NA NA E . 6.04 19.85 -11.42
C3' NHE F . 3.94 -1.87 13.07
C2' NHE F . 4.44 -1.32 14.40
C1' NHE F . 3.27 -0.73 15.18
C6' NHE F . 2.28 -1.85 15.53
N NHE F . 3.73 -0.03 16.40
C1 NHE F . 2.79 1.10 16.61
C2 NHE F . 3.11 1.73 17.96
S NHE F . 1.64 2.26 18.90
O1 NHE F . 0.66 1.12 18.93
O2 NHE F . 1.01 3.44 18.28
O3 NHE F . 2.12 2.57 20.28
C5' NHE F . 1.75 -2.47 14.23
C4' NHE F . 2.86 -2.93 13.27
CA CA G . 4.25 -20.43 6.43
NA NA H . 21.57 3.23 4.94
NA NA I . 0.85 -22.55 14.06
C1 GOL J . -1.26 -12.21 7.49
O1 GOL J . -2.43 -11.75 8.14
C2 GOL J . -1.27 -13.72 7.28
O2 GOL J . -2.53 -14.31 7.56
C3 GOL J . -0.25 -14.38 8.19
O3 GOL J . -0.10 -15.74 7.90
#